data_8F44
#
_entry.id   8F44
#
_cell.length_a   55.416
_cell.length_b   98.933
_cell.length_c   59.337
_cell.angle_alpha   90.00
_cell.angle_beta   108.27
_cell.angle_gamma   90.00
#
_symmetry.space_group_name_H-M   'P 1 21 1'
#
loop_
_entity.id
_entity.type
_entity.pdbx_description
1 polymer '3C-like proteinase'
2 non-polymer '(2-methyl-2-phenylsulfanyl-propyl) ~{N}-[(2~{S})-1-[[(1~{S},2~{S})-1-[bis(oxidanyl)-oxidanylidene-$l^{5}-sulfanyl]-1-oxidanyl-3-[(3~{S})-2-oxidanylidenepyrrolidin-3-yl]propan-2-yl]amino]-4-methyl-1-oxidanylidene-pentan-2-yl]carbamate'
3 non-polymer '(1R,2S)-1-hydroxy-2-[(N-{[2-methyl-2-(phenylsulfanyl)propoxy]carbonyl}-L-leucyl)amino]-3-[(3S)-2-oxopyrrolidin-3-yl]propane-1-sulfonic acid'
4 non-polymer 'TETRAETHYLENE GLYCOL'
5 water water
#
_entity_poly.entity_id   1
_entity_poly.type   'polypeptide(L)'
_entity_poly.pdbx_seq_one_letter_code
;SNIGSGFRKMAFPSGKVEGCMVQVTCGTTTLNGLWLDDVVYCPRHVICTSEDMLNPNYEDLLIRKSNHNFLVQAGNVQLR
VIGHSMQNCVLKLKVDTANPKTPKYKFVRIQPGQTFSVLACYNGSPSGVYQCAMRPNFTIKGSFLNGSCGSVGFNIDYDC
VSFCYMHHMELPTGVHAGTDLEGNFYGPFVDRQTAQAAGTDTTITVNVLAWLYAAVINGDRWFLNRFTTTLNDFNLVAMK
YNYEPLTQDHVDILGPLSAQTGIAVLDMCASLKELLQNGMNGRTILGSALLEDEFTPFDVVRQCSGVTF
;
_entity_poly.pdbx_strand_id   A,B
#
# COMPACT_ATOMS: atom_id res chain seq x y z
N GLY A 6 -13.82 -4.31 5.42
CA GLY A 6 -12.94 -3.24 5.86
C GLY A 6 -12.61 -2.28 4.72
N PHE A 7 -11.75 -1.29 4.97
CA PHE A 7 -11.48 -0.28 3.94
C PHE A 7 -10.07 0.28 4.08
N ARG A 8 -9.21 -0.06 3.13
CA ARG A 8 -7.79 0.22 3.18
C ARG A 8 -7.39 1.05 1.97
N LYS A 9 -6.33 1.84 2.11
CA LYS A 9 -5.72 2.42 0.92
C LYS A 9 -5.04 1.31 0.16
N MET A 10 -5.50 1.07 -1.06
CA MET A 10 -5.10 -0.08 -1.86
C MET A 10 -4.44 0.40 -3.13
N ALA A 11 -3.23 -0.10 -3.40
CA ALA A 11 -2.53 0.19 -4.65
C ALA A 11 -2.77 -0.92 -5.67
N PHE A 12 -2.60 -0.56 -6.95
CA PHE A 12 -2.62 -1.57 -8.00
C PHE A 12 -1.43 -2.52 -7.88
N PRO A 13 -1.60 -3.78 -8.25
CA PRO A 13 -0.44 -4.67 -8.28
C PRO A 13 0.61 -4.10 -9.21
N SER A 14 1.85 -4.11 -8.76
CA SER A 14 2.94 -3.38 -9.41
C SER A 14 3.78 -4.22 -10.38
N GLY A 15 3.46 -5.50 -10.57
CA GLY A 15 4.36 -6.35 -11.36
C GLY A 15 4.60 -5.85 -12.77
N LYS A 16 3.54 -5.44 -13.46
CA LYS A 16 3.74 -4.99 -14.84
C LYS A 16 4.68 -3.81 -14.93
N VAL A 17 4.76 -2.99 -13.88
CA VAL A 17 5.66 -1.83 -13.88
C VAL A 17 7.05 -2.23 -13.43
N GLU A 18 7.15 -3.18 -12.50
CA GLU A 18 8.45 -3.63 -12.03
C GLU A 18 9.31 -4.13 -13.18
N GLY A 19 8.69 -4.79 -14.14
CA GLY A 19 9.45 -5.34 -15.24
C GLY A 19 9.96 -4.30 -16.21
N CYS A 20 9.66 -3.04 -15.95
CA CYS A 20 10.14 -1.94 -16.76
C CYS A 20 11.17 -1.05 -16.07
N MET A 21 11.49 -1.26 -14.80
CA MET A 21 12.38 -0.33 -14.13
C MET A 21 13.84 -0.68 -14.39
N VAL A 22 14.65 0.33 -14.68
CA VAL A 22 16.08 0.15 -14.91
C VAL A 22 16.83 1.27 -14.22
N GLN A 23 18.15 1.14 -14.17
CA GLN A 23 19.01 2.14 -13.55
C GLN A 23 19.70 2.96 -14.64
N VAL A 24 19.79 4.28 -14.43
CA VAL A 24 20.43 5.21 -15.39
C VAL A 24 21.45 6.06 -14.66
N THR A 25 22.68 6.03 -15.15
CA THR A 25 23.74 6.78 -14.49
C THR A 25 24.43 7.67 -15.51
N CYS A 26 24.70 8.90 -15.06
CA CYS A 26 25.49 9.85 -15.83
CA CYS A 26 25.47 9.87 -15.83
C CYS A 26 26.42 10.55 -14.86
N GLY A 27 27.73 10.38 -15.07
CA GLY A 27 28.69 10.92 -14.11
C GLY A 27 28.53 10.23 -12.79
N THR A 28 28.35 11.03 -11.73
CA THR A 28 28.08 10.51 -10.40
C THR A 28 26.61 10.60 -10.02
N THR A 29 25.73 10.80 -11.00
CA THR A 29 24.30 10.96 -10.75
C THR A 29 23.59 9.70 -11.20
N THR A 30 22.82 9.09 -10.29
CA THR A 30 22.13 7.86 -10.61
C THR A 30 20.66 8.03 -10.26
N LEU A 31 19.79 7.58 -11.16
CA LEU A 31 18.36 7.53 -10.82
C LEU A 31 17.71 6.41 -11.62
N ASN A 32 16.38 6.35 -11.57
CA ASN A 32 15.65 5.29 -12.25
C ASN A 32 15.17 5.71 -13.63
N GLY A 33 15.05 4.73 -14.54
CA GLY A 33 14.31 4.93 -15.76
C GLY A 33 13.26 3.87 -16.01
N LEU A 34 12.37 4.19 -16.96
CA LEU A 34 11.26 3.36 -17.38
C LEU A 34 11.53 2.87 -18.81
N TRP A 35 11.68 1.56 -18.95
CA TRP A 35 12.08 0.90 -20.21
C TRP A 35 10.85 0.28 -20.88
N LEU A 36 10.37 0.92 -21.96
CA LEU A 36 9.23 0.45 -22.72
C LEU A 36 9.69 0.24 -24.15
N ASP A 37 9.40 -0.95 -24.68
CA ASP A 37 9.92 -1.34 -25.99
C ASP A 37 11.40 -1.04 -26.05
N ASP A 38 11.89 -0.21 -26.99
CA ASP A 38 13.31 0.06 -27.04
C ASP A 38 13.66 1.48 -26.61
N VAL A 39 12.87 2.08 -25.70
CA VAL A 39 13.14 3.41 -25.21
C VAL A 39 13.13 3.39 -23.68
N VAL A 40 14.08 4.12 -23.08
CA VAL A 40 14.15 4.32 -21.63
C VAL A 40 13.86 5.78 -21.35
N TYR A 41 12.84 6.02 -20.53
CA TYR A 41 12.44 7.36 -20.11
C TYR A 41 12.96 7.66 -18.72
N CYS A 42 13.45 8.88 -18.50
CA CYS A 42 13.98 9.24 -17.19
C CYS A 42 14.07 10.75 -17.05
N PRO A 43 14.23 11.24 -15.83
CA PRO A 43 14.30 12.69 -15.62
C PRO A 43 15.57 13.21 -16.25
N ARG A 44 15.43 14.36 -16.93
CA ARG A 44 16.59 14.90 -17.61
C ARG A 44 17.68 15.40 -16.67
N HIS A 45 17.37 15.75 -15.42
CA HIS A 45 18.41 16.23 -14.53
C HIS A 45 19.46 15.17 -14.18
N VAL A 46 19.34 13.94 -14.69
CA VAL A 46 20.42 12.98 -14.52
C VAL A 46 21.71 13.50 -15.18
N ILE A 47 21.59 14.35 -16.20
CA ILE A 47 22.81 14.79 -16.89
C ILE A 47 23.54 15.90 -16.15
N CYS A 48 23.04 16.35 -15.00
CA CYS A 48 23.61 17.48 -14.30
C CYS A 48 24.64 17.02 -13.27
N THR A 49 25.68 17.82 -13.09
CA THR A 49 26.51 17.73 -11.90
C THR A 49 25.88 18.56 -10.79
N SER A 50 26.40 18.40 -9.57
CA SER A 50 25.99 19.30 -8.50
C SER A 50 26.01 20.75 -8.95
N GLU A 51 27.08 21.16 -9.65
CA GLU A 51 27.18 22.54 -10.10
C GLU A 51 26.09 22.86 -11.12
N ASP A 52 25.71 21.89 -11.96
CA ASP A 52 24.78 22.19 -13.03
C ASP A 52 23.36 22.41 -12.50
N MET A 53 23.01 21.76 -11.40
CA MET A 53 21.62 21.76 -10.95
C MET A 53 21.15 23.12 -10.47
N LEU A 54 22.07 24.01 -10.08
CA LEU A 54 21.63 25.30 -9.55
C LEU A 54 20.94 26.15 -10.62
N ASN A 55 21.44 26.11 -11.86
CA ASN A 55 20.78 26.80 -12.97
C ASN A 55 21.14 26.10 -14.26
N PRO A 56 20.41 25.03 -14.60
CA PRO A 56 20.76 24.24 -15.79
C PRO A 56 20.15 24.78 -17.09
N ASN A 57 20.98 24.95 -18.12
CA ASN A 57 20.49 25.20 -19.47
C ASN A 57 20.50 23.84 -20.16
N TYR A 58 19.39 23.11 -20.02
CA TYR A 58 19.37 21.70 -20.39
C TYR A 58 19.72 21.44 -21.86
N GLU A 59 19.19 22.23 -22.80
CA GLU A 59 19.54 22.01 -24.21
C GLU A 59 21.05 22.13 -24.40
N ASP A 60 21.67 23.08 -23.70
CA ASP A 60 23.11 23.29 -23.80
C ASP A 60 23.90 22.17 -23.14
N LEU A 61 23.44 21.71 -21.97
CA LEU A 61 24.09 20.58 -21.31
C LEU A 61 23.95 19.30 -22.11
N LEU A 62 22.80 19.10 -22.78
CA LEU A 62 22.53 17.83 -23.44
C LEU A 62 23.33 17.69 -24.74
N ILE A 63 23.49 18.80 -25.48
CA ILE A 63 24.21 18.73 -26.75
C ILE A 63 25.65 18.30 -26.54
N ARG A 64 26.16 18.51 -25.33
CA ARG A 64 27.53 18.20 -24.98
C ARG A 64 27.70 16.76 -24.50
N LYS A 65 26.62 16.00 -24.44
CA LYS A 65 26.67 14.61 -24.02
C LYS A 65 26.72 13.68 -25.21
N SER A 66 27.39 12.55 -25.03
CA SER A 66 27.38 11.48 -26.01
C SER A 66 26.59 10.28 -25.48
N ASN A 67 26.11 9.46 -26.42
CA ASN A 67 25.43 8.22 -26.05
C ASN A 67 26.19 7.45 -24.97
N HIS A 68 27.52 7.39 -25.07
CA HIS A 68 28.26 6.56 -24.13
C HIS A 68 28.38 7.17 -22.75
N ASN A 69 27.95 8.43 -22.56
CA ASN A 69 27.95 9.00 -21.23
C ASN A 69 26.81 8.44 -20.38
N PHE A 70 25.88 7.71 -21.00
CA PHE A 70 24.70 7.19 -20.31
C PHE A 70 24.92 5.69 -20.05
N LEU A 71 24.98 5.30 -18.79
CA LEU A 71 25.08 3.91 -18.41
C LEU A 71 23.69 3.45 -17.97
N VAL A 72 23.08 2.56 -18.75
CA VAL A 72 21.75 2.00 -18.43
C VAL A 72 21.94 0.55 -18.03
N GLN A 73 21.40 0.17 -16.88
CA GLN A 73 21.53 -1.21 -16.42
C GLN A 73 20.16 -1.77 -16.07
N ALA A 74 19.84 -2.90 -16.67
CA ALA A 74 18.67 -3.71 -16.32
C ALA A 74 19.21 -4.90 -15.53
N GLY A 75 19.08 -4.84 -14.21
CA GLY A 75 19.72 -5.84 -13.38
C GLY A 75 21.21 -5.87 -13.63
N ASN A 76 21.73 -7.06 -13.93
CA ASN A 76 23.16 -7.26 -14.16
C ASN A 76 23.52 -7.20 -15.64
N VAL A 77 22.81 -6.39 -16.42
CA VAL A 77 23.01 -6.29 -17.85
C VAL A 77 23.01 -4.82 -18.25
N GLN A 78 24.08 -4.39 -18.93
CA GLN A 78 24.11 -3.04 -19.48
C GLN A 78 23.39 -3.01 -20.82
N LEU A 79 22.57 -1.99 -21.03
CA LEU A 79 21.88 -1.78 -22.31
C LEU A 79 22.59 -0.66 -23.06
N ARG A 80 22.89 -0.89 -24.33
CA ARG A 80 23.63 0.11 -25.09
C ARG A 80 22.68 1.19 -25.60
N VAL A 81 22.98 2.44 -25.28
CA VAL A 81 22.25 3.59 -25.78
C VAL A 81 22.70 3.90 -27.21
N ILE A 82 21.75 3.94 -28.14
CA ILE A 82 22.06 4.18 -29.54
C ILE A 82 21.46 5.48 -30.06
N GLY A 83 21.00 6.36 -29.15
CA GLY A 83 20.29 7.54 -29.57
C GLY A 83 19.69 8.17 -28.34
N HIS A 84 19.50 9.49 -28.34
CA HIS A 84 18.80 10.14 -27.24
C HIS A 84 18.14 11.41 -27.73
N SER A 85 17.03 11.76 -27.08
CA SER A 85 16.36 13.02 -27.29
C SER A 85 15.74 13.46 -25.97
N MET A 86 15.24 14.68 -25.96
CA MET A 86 14.67 15.31 -24.77
C MET A 86 13.28 15.80 -25.12
N GLN A 87 12.30 15.46 -24.29
CA GLN A 87 10.94 15.95 -24.46
C GLN A 87 10.57 16.64 -23.14
N ASN A 88 10.56 17.96 -23.17
CA ASN A 88 10.35 18.73 -21.95
C ASN A 88 11.31 18.26 -20.87
N CYS A 89 10.82 17.83 -19.70
CA CYS A 89 11.73 17.49 -18.61
C CYS A 89 12.12 16.01 -18.59
N VAL A 90 11.77 15.24 -19.62
CA VAL A 90 12.09 13.82 -19.71
CA VAL A 90 12.13 13.83 -19.67
C VAL A 90 13.11 13.59 -20.80
N LEU A 91 14.07 12.73 -20.53
CA LEU A 91 15.07 12.28 -21.49
C LEU A 91 14.64 10.92 -22.00
N LYS A 92 14.72 10.74 -23.32
CA LYS A 92 14.34 9.48 -23.96
C LYS A 92 15.60 8.87 -24.54
N LEU A 93 16.01 7.74 -23.99
CA LEU A 93 17.21 7.02 -24.41
C LEU A 93 16.81 5.82 -25.27
N LYS A 94 17.22 5.82 -26.54
CA LYS A 94 16.98 4.68 -27.41
C LYS A 94 18.05 3.64 -27.12
N VAL A 95 17.63 2.38 -26.92
CA VAL A 95 18.56 1.30 -26.62
C VAL A 95 18.44 0.23 -27.71
N ASP A 96 19.48 -0.61 -27.79
CA ASP A 96 19.51 -1.58 -28.89
C ASP A 96 18.68 -2.83 -28.62
N THR A 97 18.02 -2.95 -27.47
CA THR A 97 17.25 -4.17 -27.20
C THR A 97 15.85 -3.80 -26.71
N ALA A 98 14.86 -4.59 -27.12
CA ALA A 98 13.49 -4.34 -26.71
C ALA A 98 13.23 -5.02 -25.38
N ASN A 99 12.43 -4.38 -24.54
CA ASN A 99 12.01 -5.01 -23.28
C ASN A 99 10.88 -6.02 -23.52
N PRO A 100 11.14 -7.33 -23.40
CA PRO A 100 10.06 -8.29 -23.63
C PRO A 100 8.99 -8.22 -22.57
N LYS A 101 9.23 -7.55 -21.45
CA LYS A 101 8.22 -7.41 -20.42
C LYS A 101 7.38 -6.14 -20.57
N THR A 102 7.56 -5.38 -21.65
CA THR A 102 6.73 -4.21 -21.89
C THR A 102 5.24 -4.59 -21.86
N PRO A 103 4.46 -3.97 -20.98
CA PRO A 103 3.02 -4.26 -20.95
C PRO A 103 2.30 -3.40 -21.99
N LYS A 104 1.05 -3.74 -22.22
CA LYS A 104 0.17 -2.79 -22.90
C LYS A 104 0.13 -1.53 -22.03
N TYR A 105 0.26 -0.37 -22.66
CA TYR A 105 0.42 0.85 -21.85
C TYR A 105 -0.01 2.07 -22.62
N LYS A 106 -0.29 3.14 -21.87
CA LYS A 106 -0.36 4.46 -22.48
C LYS A 106 0.09 5.50 -21.47
N PHE A 107 0.26 6.71 -21.97
CA PHE A 107 0.68 7.86 -21.17
C PHE A 107 -0.52 8.78 -21.03
N VAL A 108 -0.87 9.14 -19.81
CA VAL A 108 -1.98 10.03 -19.59
C VAL A 108 -1.55 11.12 -18.63
N ARG A 109 -2.21 12.27 -18.72
CA ARG A 109 -2.01 13.34 -17.78
C ARG A 109 -3.25 13.40 -16.90
N ILE A 110 -3.07 13.28 -15.59
CA ILE A 110 -4.25 13.18 -14.71
C ILE A 110 -4.64 14.56 -14.22
N GLN A 111 -5.89 14.64 -13.70
CA GLN A 111 -6.45 15.83 -13.11
C GLN A 111 -6.29 15.84 -11.60
N PRO A 112 -6.26 17.01 -10.99
CA PRO A 112 -6.21 17.06 -9.54
C PRO A 112 -7.43 16.37 -8.96
N GLY A 113 -7.20 15.64 -7.88
CA GLY A 113 -8.22 14.81 -7.28
C GLY A 113 -8.16 13.35 -7.68
N GLN A 114 -7.57 13.04 -8.83
CA GLN A 114 -7.41 11.66 -9.24
C GLN A 114 -6.29 10.98 -8.45
N THR A 115 -6.42 9.67 -8.30
CA THR A 115 -5.46 8.88 -7.54
C THR A 115 -4.66 7.99 -8.50
N PHE A 116 -3.52 7.52 -7.99
CA PHE A 116 -2.68 6.62 -8.75
C PHE A 116 -1.77 5.88 -7.77
N SER A 117 -1.20 4.77 -8.25
CA SER A 117 -0.20 4.04 -7.48
C SER A 117 1.18 4.50 -7.85
N VAL A 118 2.06 4.58 -6.84
CA VAL A 118 3.48 4.87 -7.03
C VAL A 118 4.29 3.62 -6.72
N LEU A 119 5.21 3.29 -7.63
CA LEU A 119 6.23 2.28 -7.39
C LEU A 119 7.52 3.02 -7.09
N ALA A 120 7.84 3.11 -5.81
CA ALA A 120 9.08 3.76 -5.41
C ALA A 120 10.26 2.82 -5.67
N CYS A 121 11.29 3.33 -6.36
CA CYS A 121 12.46 2.58 -6.77
C CYS A 121 13.74 3.32 -6.40
N TYR A 122 14.80 2.56 -6.16
CA TYR A 122 16.16 3.07 -5.95
C TYR A 122 17.14 2.23 -6.75
N ASN A 123 18.08 2.89 -7.46
CA ASN A 123 19.04 2.19 -8.31
C ASN A 123 18.36 1.15 -9.21
N GLY A 124 17.20 1.50 -9.75
CA GLY A 124 16.51 0.67 -10.68
C GLY A 124 15.76 -0.49 -10.07
N SER A 125 15.78 -0.62 -8.74
CA SER A 125 15.13 -1.72 -8.05
C SER A 125 13.88 -1.26 -7.31
N PRO A 126 12.76 -1.94 -7.53
CA PRO A 126 11.52 -1.56 -6.83
C PRO A 126 11.61 -1.79 -5.34
N SER A 127 11.11 -0.81 -4.57
CA SER A 127 11.22 -0.79 -3.12
C SER A 127 9.88 -0.82 -2.41
N GLY A 128 8.86 -0.14 -2.92
CA GLY A 128 7.56 -0.13 -2.27
C GLY A 128 6.48 0.44 -3.16
N VAL A 129 5.23 0.15 -2.82
CA VAL A 129 4.13 0.57 -3.67
C VAL A 129 3.07 1.18 -2.76
N TYR A 130 2.53 2.33 -3.16
CA TYR A 130 1.50 2.97 -2.36
C TYR A 130 0.65 3.88 -3.24
N GLN A 131 -0.49 4.24 -2.69
CA GLN A 131 -1.48 5.06 -3.38
C GLN A 131 -1.32 6.52 -2.99
N CYS A 132 -1.42 7.40 -3.98
CA CYS A 132 -1.26 8.86 -3.89
C CYS A 132 -2.41 9.51 -4.61
N ALA A 133 -2.63 10.78 -4.34
CA ALA A 133 -3.53 11.58 -5.14
C ALA A 133 -2.78 12.82 -5.65
N MET A 134 -3.16 13.26 -6.84
CA MET A 134 -2.74 14.58 -7.32
C MET A 134 -3.49 15.65 -6.53
N ARG A 135 -2.76 16.44 -5.75
CA ARG A 135 -3.38 17.47 -4.92
C ARG A 135 -3.90 18.60 -5.81
N PRO A 136 -4.87 19.37 -5.32
CA PRO A 136 -5.36 20.53 -6.09
C PRO A 136 -4.27 21.53 -6.43
N ASN A 137 -3.22 21.64 -5.59
CA ASN A 137 -2.07 22.50 -5.87
C ASN A 137 -0.97 21.77 -6.62
N PHE A 138 -1.25 20.57 -7.12
CA PHE A 138 -0.42 19.83 -8.06
C PHE A 138 0.87 19.29 -7.44
N THR A 139 0.92 19.23 -6.12
CA THR A 139 1.91 18.39 -5.45
C THR A 139 1.31 16.99 -5.20
N ILE A 140 2.15 16.07 -4.76
CA ILE A 140 1.69 14.80 -4.24
C ILE A 140 2.35 14.56 -2.89
N LYS A 141 1.60 13.93 -1.98
CA LYS A 141 2.16 13.60 -0.68
C LYS A 141 2.70 12.18 -0.81
N GLY A 142 3.96 12.06 -1.21
CA GLY A 142 4.61 10.79 -1.42
C GLY A 142 5.58 10.46 -0.31
N SER A 143 6.26 9.35 -0.51
CA SER A 143 7.36 8.92 0.34
C SER A 143 8.51 8.61 -0.62
N PHE A 144 9.40 9.58 -0.79
CA PHE A 144 10.50 9.47 -1.72
C PHE A 144 11.77 9.96 -1.04
N LEU A 145 12.86 9.21 -1.22
CA LEU A 145 14.16 9.56 -0.68
C LEU A 145 15.14 9.86 -1.81
N ASN A 146 16.37 10.23 -1.42
CA ASN A 146 17.44 10.34 -2.41
C ASN A 146 17.48 9.10 -3.30
N GLY A 147 17.61 9.33 -4.61
CA GLY A 147 17.71 8.26 -5.58
C GLY A 147 16.38 7.76 -6.12
N SER A 148 15.26 8.36 -5.71
CA SER A 148 13.95 7.91 -6.12
C SER A 148 13.47 8.50 -7.43
N CYS A 149 14.15 9.52 -7.96
CA CYS A 149 13.69 10.14 -9.19
C CYS A 149 13.61 9.12 -10.33
N GLY A 150 12.62 9.32 -11.19
CA GLY A 150 12.33 8.34 -12.21
C GLY A 150 11.36 7.26 -11.78
N SER A 151 11.10 7.14 -10.48
CA SER A 151 9.96 6.34 -10.05
C SER A 151 8.69 6.87 -10.70
N VAL A 152 7.72 5.98 -11.00
CA VAL A 152 6.55 6.39 -11.77
C VAL A 152 5.29 6.08 -10.99
N GLY A 153 4.24 6.81 -11.36
CA GLY A 153 2.88 6.60 -10.87
C GLY A 153 2.00 6.10 -12.01
N PHE A 154 0.98 5.30 -11.67
CA PHE A 154 0.23 4.62 -12.72
C PHE A 154 -1.12 4.12 -12.19
N ASN A 155 -2.01 3.85 -13.14
CA ASN A 155 -3.24 3.13 -12.90
C ASN A 155 -3.27 1.93 -13.86
N ILE A 156 -4.06 0.92 -13.52
CA ILE A 156 -4.18 -0.24 -14.40
C ILE A 156 -5.66 -0.46 -14.67
N ASP A 157 -6.02 -0.53 -15.95
CA ASP A 157 -7.37 -0.84 -16.41
C ASP A 157 -7.30 -2.06 -17.32
N TYR A 158 -8.01 -3.12 -16.94
CA TYR A 158 -7.94 -4.40 -17.64
C TYR A 158 -6.48 -4.81 -17.62
N ASP A 159 -5.80 -4.93 -18.76
CA ASP A 159 -4.39 -5.28 -18.78
C ASP A 159 -3.49 -4.10 -19.11
N CYS A 160 -4.05 -2.89 -19.22
CA CYS A 160 -3.35 -1.72 -19.72
C CYS A 160 -2.86 -0.84 -18.57
N VAL A 161 -1.58 -0.52 -18.58
CA VAL A 161 -0.98 0.37 -17.61
C VAL A 161 -1.00 1.78 -18.16
N SER A 162 -1.62 2.69 -17.44
CA SER A 162 -1.66 4.10 -17.82
C SER A 162 -0.67 4.83 -16.90
N PHE A 163 0.47 5.19 -17.45
CA PHE A 163 1.47 5.93 -16.70
C PHE A 163 1.07 7.39 -16.62
N CYS A 164 1.08 7.96 -15.41
CA CYS A 164 0.67 9.35 -15.25
C CYS A 164 1.67 10.26 -14.54
N TYR A 165 2.72 9.71 -13.92
CA TYR A 165 3.62 10.52 -13.08
C TYR A 165 5.03 9.94 -13.15
N MET A 166 6.01 10.84 -13.26
CA MET A 166 7.42 10.51 -13.04
C MET A 166 7.98 11.46 -12.01
N HIS A 167 8.71 10.93 -11.05
CA HIS A 167 9.11 11.74 -9.91
C HIS A 167 10.37 12.54 -10.16
N HIS A 168 10.37 13.84 -9.74
CA HIS A 168 11.55 14.70 -9.89
C HIS A 168 12.07 15.40 -8.63
N MET A 169 11.22 15.75 -7.65
CA MET A 169 11.72 16.60 -6.58
C MET A 169 10.85 16.56 -5.33
N GLU A 170 11.46 17.05 -4.25
CA GLU A 170 10.81 17.24 -2.96
C GLU A 170 10.88 18.73 -2.62
N LEU A 171 9.82 19.26 -2.07
CA LEU A 171 9.72 20.66 -1.68
C LEU A 171 10.03 20.80 -0.19
N PRO A 172 10.29 22.02 0.27
CA PRO A 172 10.67 22.19 1.69
C PRO A 172 9.63 21.69 2.67
N THR A 173 8.36 21.66 2.30
CA THR A 173 7.32 21.17 3.19
C THR A 173 7.23 19.66 3.21
N GLY A 174 8.06 18.96 2.45
CA GLY A 174 8.06 17.51 2.44
C GLY A 174 7.13 16.88 1.43
N VAL A 175 6.41 17.69 0.64
CA VAL A 175 5.57 17.13 -0.43
C VAL A 175 6.43 17.06 -1.68
N HIS A 176 5.88 16.49 -2.74
CA HIS A 176 6.66 16.10 -3.91
C HIS A 176 6.06 16.65 -5.19
N ALA A 177 6.92 16.74 -6.21
CA ALA A 177 6.51 17.26 -7.50
C ALA A 177 7.20 16.50 -8.63
N GLY A 178 6.51 16.44 -9.75
CA GLY A 178 7.02 15.68 -10.88
C GLY A 178 6.23 15.98 -12.11
N THR A 179 6.42 15.13 -13.13
CA THR A 179 5.90 15.39 -14.46
C THR A 179 5.02 14.24 -14.90
N ASP A 180 4.30 14.50 -16.00
CA ASP A 180 3.69 13.41 -16.74
C ASP A 180 4.80 12.79 -17.62
N LEU A 181 4.45 11.77 -18.38
CA LEU A 181 5.46 11.04 -19.15
C LEU A 181 5.80 11.75 -20.44
N GLU A 182 5.16 12.88 -20.71
CA GLU A 182 5.62 13.82 -21.75
C GLU A 182 6.61 14.82 -21.20
N GLY A 183 6.93 14.74 -19.91
CA GLY A 183 7.91 15.62 -19.33
C GLY A 183 7.42 16.97 -18.88
N ASN A 184 6.11 17.19 -18.83
CA ASN A 184 5.57 18.46 -18.34
C ASN A 184 5.20 18.37 -16.87
N PHE A 185 5.67 19.34 -16.08
CA PHE A 185 5.37 19.31 -14.65
C PHE A 185 3.88 19.43 -14.41
N TYR A 186 3.45 18.74 -13.38
CA TYR A 186 2.24 19.10 -12.66
C TYR A 186 2.58 20.26 -11.74
N GLY A 187 1.94 21.39 -11.93
CA GLY A 187 2.19 22.54 -11.07
C GLY A 187 3.26 23.50 -11.56
N PRO A 188 3.44 24.56 -10.80
CA PRO A 188 4.33 25.67 -11.19
C PRO A 188 5.79 25.44 -10.86
N PHE A 189 6.26 24.20 -10.97
CA PHE A 189 7.56 23.83 -10.47
C PHE A 189 8.54 23.71 -11.63
N VAL A 190 9.81 23.69 -11.28
N VAL A 190 9.81 23.76 -11.31
CA VAL A 190 10.92 23.70 -12.24
CA VAL A 190 10.88 23.64 -12.30
C VAL A 190 11.98 22.73 -11.74
C VAL A 190 11.97 22.74 -11.76
N ASP A 191 12.60 21.99 -12.66
CA ASP A 191 13.65 21.05 -12.30
C ASP A 191 15.00 21.78 -12.23
N ARG A 192 15.11 22.60 -11.18
CA ARG A 192 16.34 23.29 -10.80
C ARG A 192 16.48 23.18 -9.29
N GLN A 193 17.72 23.14 -8.82
CA GLN A 193 18.02 22.98 -7.41
C GLN A 193 17.88 24.34 -6.73
N THR A 194 16.64 24.74 -6.47
CA THR A 194 16.31 25.94 -5.70
C THR A 194 15.04 25.68 -4.89
N ALA A 195 14.92 26.34 -3.74
CA ALA A 195 13.75 26.14 -2.91
C ALA A 195 12.52 26.67 -3.61
N GLN A 196 11.46 25.86 -3.60
CA GLN A 196 10.22 26.18 -4.28
C GLN A 196 9.07 25.85 -3.37
N ALA A 197 8.09 26.72 -3.37
CA ALA A 197 6.89 26.55 -2.57
C ALA A 197 5.70 26.28 -3.47
N ALA A 198 4.70 25.57 -2.94
CA ALA A 198 3.49 25.29 -3.69
C ALA A 198 2.42 26.32 -3.35
N GLY A 199 1.41 26.40 -4.20
CA GLY A 199 0.26 27.22 -3.87
C GLY A 199 -0.48 26.62 -2.69
N THR A 200 -1.36 27.41 -2.10
CA THR A 200 -2.17 26.94 -0.98
C THR A 200 -2.97 25.71 -1.41
N ASP A 201 -2.89 24.66 -0.62
CA ASP A 201 -3.63 23.47 -0.99
C ASP A 201 -5.06 23.56 -0.47
N THR A 202 -5.92 22.76 -1.07
CA THR A 202 -7.31 22.62 -0.67
C THR A 202 -7.61 21.14 -0.52
N THR A 203 -8.75 20.83 0.09
CA THR A 203 -9.20 19.47 0.27
C THR A 203 -10.12 19.02 -0.86
N ILE A 204 -9.97 17.77 -1.28
CA ILE A 204 -10.71 17.26 -2.45
C ILE A 204 -12.08 16.80 -1.95
N THR A 205 -13.10 17.63 -2.14
CA THR A 205 -14.41 17.42 -1.50
C THR A 205 -15.10 16.16 -2.02
N VAL A 206 -15.11 15.93 -3.33
CA VAL A 206 -15.79 14.74 -3.84
C VAL A 206 -15.17 13.49 -3.25
N ASN A 207 -13.87 13.51 -2.96
CA ASN A 207 -13.23 12.32 -2.38
C ASN A 207 -13.60 12.16 -0.91
N VAL A 208 -13.75 13.26 -0.17
CA VAL A 208 -14.17 13.15 1.21
C VAL A 208 -15.56 12.54 1.27
N LEU A 209 -16.43 12.97 0.35
CA LEU A 209 -17.79 12.40 0.35
C LEU A 209 -17.76 10.92 0.00
N ALA A 210 -16.91 10.53 -0.92
CA ALA A 210 -16.82 9.10 -1.25
C ALA A 210 -16.38 8.30 -0.03
N TRP A 211 -15.46 8.85 0.74
CA TRP A 211 -14.93 8.16 1.90
C TRP A 211 -15.95 8.10 3.04
N LEU A 212 -16.73 9.17 3.22
CA LEU A 212 -17.88 9.11 4.13
C LEU A 212 -18.83 8.00 3.74
N TYR A 213 -19.16 7.84 2.45
CA TYR A 213 -20.00 6.73 2.03
C TYR A 213 -19.33 5.39 2.29
N ALA A 214 -18.01 5.31 2.11
CA ALA A 214 -17.30 4.11 2.51
C ALA A 214 -17.48 3.83 4.00
N ALA A 215 -17.43 4.87 4.84
CA ALA A 215 -17.55 4.65 6.27
C ALA A 215 -18.93 4.11 6.64
N VAL A 216 -19.94 4.41 5.81
CA VAL A 216 -21.30 3.95 6.08
C VAL A 216 -21.47 2.51 5.61
N ILE A 217 -21.00 2.21 4.39
CA ILE A 217 -20.99 0.84 3.91
C ILE A 217 -20.38 -0.09 4.96
N ASN A 218 -19.33 0.35 5.65
CA ASN A 218 -18.73 -0.44 6.72
C ASN A 218 -19.36 -0.16 8.09
N GLY A 219 -20.63 0.25 8.11
CA GLY A 219 -21.40 0.28 9.34
C GLY A 219 -21.03 1.36 10.33
N ASP A 220 -20.48 2.47 9.87
CA ASP A 220 -20.11 3.58 10.74
C ASP A 220 -20.83 4.82 10.25
N ARG A 221 -21.80 5.31 11.03
CA ARG A 221 -22.62 6.42 10.55
C ARG A 221 -22.95 7.42 11.66
N TRP A 222 -22.08 7.53 12.65
CA TRP A 222 -22.32 8.49 13.72
C TRP A 222 -22.39 9.92 13.22
N PHE A 223 -21.79 10.21 12.05
CA PHE A 223 -21.67 11.57 11.52
C PHE A 223 -22.88 12.01 10.71
N LEU A 224 -23.79 11.10 10.34
CA LEU A 224 -25.00 11.42 9.59
C LEU A 224 -25.95 12.32 10.41
N ASN A 225 -26.89 12.97 9.71
CA ASN A 225 -27.89 13.81 10.37
C ASN A 225 -29.16 13.86 9.51
N ARG A 226 -30.20 14.44 10.09
CA ARG A 226 -31.52 14.46 9.47
C ARG A 226 -31.70 15.64 8.52
N PHE A 227 -30.68 16.46 8.34
CA PHE A 227 -30.79 17.70 7.60
C PHE A 227 -30.33 17.54 6.14
N THR A 228 -30.56 18.58 5.34
CA THR A 228 -30.10 18.61 3.97
C THR A 228 -29.59 20.01 3.65
N THR A 229 -29.21 20.21 2.40
CA THR A 229 -28.58 21.45 1.96
C THR A 229 -28.73 21.50 0.45
N THR A 230 -28.75 22.71 -0.08
CA THR A 230 -28.63 22.84 -1.52
C THR A 230 -27.17 22.72 -1.91
N LEU A 231 -26.96 22.41 -3.19
CA LEU A 231 -25.60 22.33 -3.72
C LEU A 231 -24.86 23.64 -3.49
N ASN A 232 -25.51 24.77 -3.79
CA ASN A 232 -24.76 26.02 -3.71
C ASN A 232 -24.48 26.40 -2.27
N ASP A 233 -25.44 26.19 -1.35
CA ASP A 233 -25.18 26.50 0.05
C ASP A 233 -24.07 25.63 0.61
N PHE A 234 -24.04 24.35 0.22
CA PHE A 234 -22.91 23.52 0.58
C PHE A 234 -21.60 24.13 0.07
N ASN A 235 -21.58 24.55 -1.20
CA ASN A 235 -20.34 25.04 -1.81
C ASN A 235 -19.87 26.33 -1.14
N LEU A 236 -20.80 27.14 -0.62
CA LEU A 236 -20.39 28.37 0.06
C LEU A 236 -19.57 28.03 1.30
N VAL A 237 -20.06 27.06 2.07
CA VAL A 237 -19.38 26.60 3.27
C VAL A 237 -18.08 25.90 2.93
N ALA A 238 -18.12 25.03 1.92
CA ALA A 238 -16.91 24.34 1.49
C ALA A 238 -15.78 25.33 1.20
N MET A 239 -16.05 26.34 0.36
CA MET A 239 -14.98 27.24 -0.03
C MET A 239 -14.46 28.00 1.17
N LYS A 240 -15.34 28.28 2.14
CA LYS A 240 -14.89 28.99 3.33
C LYS A 240 -13.84 28.17 4.07
N TYR A 241 -13.96 26.84 4.04
CA TYR A 241 -13.06 25.94 4.74
C TYR A 241 -11.97 25.39 3.82
N ASN A 242 -11.76 26.04 2.67
CA ASN A 242 -10.71 25.65 1.73
C ASN A 242 -10.90 24.21 1.26
N TYR A 243 -12.17 23.86 1.04
CA TYR A 243 -12.52 22.66 0.30
C TYR A 243 -12.85 23.03 -1.14
N GLU A 244 -12.55 22.14 -2.07
CA GLU A 244 -12.85 22.38 -3.45
C GLU A 244 -14.37 22.39 -3.66
N PRO A 245 -14.85 23.12 -4.66
CA PRO A 245 -16.27 23.09 -4.95
C PRO A 245 -16.70 21.72 -5.48
N LEU A 246 -17.95 21.40 -5.23
CA LEU A 246 -18.58 20.19 -5.73
C LEU A 246 -19.40 20.56 -6.95
N THR A 247 -19.12 19.90 -8.08
CA THR A 247 -19.87 20.13 -9.30
C THR A 247 -21.02 19.14 -9.43
N GLN A 248 -21.90 19.42 -10.40
CA GLN A 248 -22.96 18.47 -10.68
C GLN A 248 -22.38 17.15 -11.22
N ASP A 249 -21.27 17.20 -11.95
CA ASP A 249 -20.64 15.96 -12.38
C ASP A 249 -20.18 15.15 -11.18
N HIS A 250 -19.65 15.82 -10.14
CA HIS A 250 -19.30 15.11 -8.93
C HIS A 250 -20.52 14.46 -8.30
N VAL A 251 -21.64 15.19 -8.25
CA VAL A 251 -22.85 14.61 -7.67
C VAL A 251 -23.25 13.37 -8.46
N ASP A 252 -23.15 13.45 -9.79
CA ASP A 252 -23.54 12.32 -10.64
C ASP A 252 -22.63 11.12 -10.39
N ILE A 253 -21.32 11.37 -10.32
CA ILE A 253 -20.33 10.33 -10.09
C ILE A 253 -20.56 9.61 -8.76
N LEU A 254 -21.13 10.31 -7.77
CA LEU A 254 -21.40 9.74 -6.45
C LEU A 254 -22.70 8.95 -6.39
N GLY A 255 -23.44 8.90 -7.50
CA GLY A 255 -24.74 8.27 -7.54
C GLY A 255 -24.72 6.82 -7.09
N PRO A 256 -23.89 6.01 -7.74
CA PRO A 256 -23.80 4.60 -7.33
C PRO A 256 -23.64 4.43 -5.84
N LEU A 257 -22.78 5.22 -5.21
CA LEU A 257 -22.61 5.13 -3.77
C LEU A 257 -23.85 5.61 -3.03
N SER A 258 -24.56 6.59 -3.61
CA SER A 258 -25.79 7.05 -2.99
C SER A 258 -26.86 5.97 -3.08
N ALA A 259 -27.02 5.37 -4.26
CA ALA A 259 -27.96 4.27 -4.44
C ALA A 259 -27.65 3.12 -3.51
N GLN A 260 -26.38 2.71 -3.45
CA GLN A 260 -26.02 1.57 -2.62
C GLN A 260 -26.46 1.77 -1.16
N THR A 261 -26.28 2.98 -0.63
CA THR A 261 -26.48 3.25 0.78
C THR A 261 -27.84 3.88 1.09
N GLY A 262 -28.56 4.35 0.09
CA GLY A 262 -29.80 5.05 0.37
C GLY A 262 -29.63 6.42 0.99
N ILE A 263 -28.47 7.05 0.81
CA ILE A 263 -28.22 8.38 1.34
C ILE A 263 -28.02 9.32 0.16
N ALA A 264 -28.94 10.27 0.00
CA ALA A 264 -28.84 11.22 -1.09
C ALA A 264 -27.55 12.01 -0.94
N VAL A 265 -26.97 12.36 -2.09
CA VAL A 265 -25.68 13.04 -2.09
C VAL A 265 -25.75 14.31 -1.25
N LEU A 266 -26.79 15.10 -1.44
CA LEU A 266 -26.87 16.37 -0.73
C LEU A 266 -27.13 16.17 0.77
N ASP A 267 -27.73 15.04 1.18
CA ASP A 267 -27.77 14.71 2.58
C ASP A 267 -26.37 14.42 3.12
N MET A 268 -25.53 13.75 2.33
CA MET A 268 -24.17 13.53 2.78
C MET A 268 -23.39 14.85 2.81
N CYS A 269 -23.72 15.76 1.89
CA CYS A 269 -23.14 17.10 1.93
C CYS A 269 -23.50 17.82 3.23
N ALA A 270 -24.75 17.66 3.67
CA ALA A 270 -25.19 18.25 4.93
C ALA A 270 -24.41 17.66 6.11
N SER A 271 -24.11 16.36 6.06
CA SER A 271 -23.30 15.74 7.10
C SER A 271 -21.89 16.34 7.12
N LEU A 272 -21.27 16.45 5.94
CA LEU A 272 -19.93 17.01 5.89
C LEU A 272 -19.91 18.45 6.37
N LYS A 273 -20.92 19.23 6.00
CA LYS A 273 -21.03 20.60 6.48
C LYS A 273 -20.98 20.65 8.01
N GLU A 274 -21.73 19.76 8.67
CA GLU A 274 -21.74 19.72 10.14
C GLU A 274 -20.37 19.34 10.67
N LEU A 275 -19.71 18.35 10.05
CA LEU A 275 -18.35 17.99 10.43
C LEU A 275 -17.39 19.16 10.29
N LEU A 276 -17.52 19.94 9.20
CA LEU A 276 -16.61 21.05 9.03
C LEU A 276 -16.85 22.13 10.09
N GLN A 277 -18.11 22.36 10.44
CA GLN A 277 -18.44 23.44 11.36
C GLN A 277 -18.17 23.09 12.81
N ASN A 278 -18.33 21.82 13.16
CA ASN A 278 -18.25 21.38 14.55
C ASN A 278 -17.07 20.47 14.86
N GLY A 279 -16.30 20.07 13.85
CA GLY A 279 -15.22 19.14 14.07
C GLY A 279 -15.74 17.73 14.35
N MET A 280 -14.82 16.87 14.76
CA MET A 280 -15.14 15.48 15.01
C MET A 280 -15.31 15.16 16.49
N ASN A 281 -15.18 16.15 17.37
CA ASN A 281 -15.39 15.93 18.81
C ASN A 281 -14.51 14.80 19.32
N GLY A 282 -13.26 14.76 18.86
CA GLY A 282 -12.36 13.69 19.22
C GLY A 282 -12.75 12.32 18.73
N ARG A 283 -13.71 12.23 17.82
CA ARG A 283 -14.17 10.95 17.32
C ARG A 283 -13.34 10.56 16.09
N THR A 284 -13.62 9.38 15.54
CA THR A 284 -12.87 8.88 14.40
C THR A 284 -13.81 8.25 13.40
N ILE A 285 -13.41 8.30 12.14
CA ILE A 285 -14.16 7.71 11.04
C ILE A 285 -13.22 6.77 10.33
N LEU A 286 -13.61 5.50 10.26
CA LEU A 286 -12.77 4.47 9.64
C LEU A 286 -11.35 4.49 10.21
N GLY A 287 -11.24 4.78 11.51
CA GLY A 287 -9.97 4.78 12.19
C GLY A 287 -9.20 6.09 12.09
N SER A 288 -9.66 7.03 11.27
CA SER A 288 -8.96 8.30 11.07
C SER A 288 -9.56 9.39 11.95
N ALA A 289 -8.69 10.22 12.52
CA ALA A 289 -9.12 11.42 13.23
C ALA A 289 -9.25 12.63 12.32
N LEU A 290 -8.96 12.48 11.02
CA LEU A 290 -9.09 13.56 10.06
C LEU A 290 -9.92 13.06 8.88
N LEU A 291 -10.52 13.99 8.17
CA LEU A 291 -11.32 13.65 7.01
C LEU A 291 -10.37 13.32 5.87
N GLU A 292 -10.46 12.10 5.37
CA GLU A 292 -9.57 11.59 4.33
C GLU A 292 -10.05 12.00 2.95
N ASP A 293 -9.15 12.50 2.09
CA ASP A 293 -9.58 12.95 0.78
C ASP A 293 -8.76 12.35 -0.38
N GLU A 294 -8.13 11.20 -0.18
CA GLU A 294 -7.40 10.53 -1.27
C GLU A 294 -7.99 9.19 -1.70
N PHE A 295 -9.31 9.02 -1.53
CA PHE A 295 -10.08 7.99 -2.22
C PHE A 295 -11.08 8.64 -3.16
N THR A 296 -11.04 8.27 -4.42
CA THR A 296 -12.06 8.71 -5.37
C THR A 296 -13.32 7.87 -5.25
N PRO A 297 -14.43 8.34 -5.82
CA PRO A 297 -15.63 7.50 -5.89
C PRO A 297 -15.37 6.15 -6.57
N PHE A 298 -14.56 6.13 -7.63
CA PHE A 298 -14.24 4.87 -8.28
C PHE A 298 -13.46 3.95 -7.35
N ASP A 299 -12.48 4.50 -6.62
CA ASP A 299 -11.71 3.72 -5.66
C ASP A 299 -12.62 3.06 -4.63
N VAL A 300 -13.54 3.84 -4.07
CA VAL A 300 -14.47 3.29 -3.07
C VAL A 300 -15.34 2.19 -3.69
N VAL A 301 -15.92 2.47 -4.86
CA VAL A 301 -16.81 1.51 -5.51
C VAL A 301 -16.08 0.21 -5.80
N ARG A 302 -14.91 0.29 -6.44
CA ARG A 302 -14.16 -0.90 -6.77
C ARG A 302 -13.90 -1.75 -5.53
N GLN A 303 -13.39 -1.14 -4.46
CA GLN A 303 -13.04 -1.88 -3.26
C GLN A 303 -14.26 -2.37 -2.48
N CYS A 304 -15.45 -1.85 -2.77
CA CYS A 304 -16.69 -2.35 -2.18
C CYS A 304 -17.54 -3.10 -3.22
N SER A 305 -16.97 -3.41 -4.38
CA SER A 305 -17.64 -4.20 -5.42
C SER A 305 -16.69 -5.22 -6.02
N GLY B 6 4.13 12.37 7.98
CA GLY B 6 5.06 12.06 6.92
C GLY B 6 5.25 10.57 6.68
N PHE B 7 4.43 9.73 7.32
CA PHE B 7 4.54 8.28 7.17
C PHE B 7 3.28 7.73 6.53
N ARG B 8 3.44 6.70 5.70
CA ARG B 8 2.30 6.02 5.12
C ARG B 8 2.55 4.52 5.08
N LYS B 9 1.48 3.76 5.09
CA LYS B 9 1.59 2.33 4.85
C LYS B 9 2.09 2.12 3.42
N MET B 10 3.25 1.48 3.29
CA MET B 10 3.81 1.06 2.01
C MET B 10 3.86 -0.46 1.91
N ALA B 11 3.32 -1.00 0.82
CA ALA B 11 3.40 -2.43 0.56
C ALA B 11 4.70 -2.76 -0.14
N PHE B 12 5.10 -4.03 -0.06
CA PHE B 12 6.19 -4.48 -0.94
C PHE B 12 5.71 -4.54 -2.40
N PRO B 13 6.61 -4.34 -3.36
CA PRO B 13 6.26 -4.60 -4.75
C PRO B 13 5.76 -6.02 -4.89
N SER B 14 4.66 -6.18 -5.61
CA SER B 14 3.90 -7.42 -5.58
C SER B 14 4.24 -8.39 -6.71
N GLY B 15 5.11 -8.01 -7.65
CA GLY B 15 5.27 -8.80 -8.86
C GLY B 15 5.72 -10.23 -8.62
N LYS B 16 6.64 -10.44 -7.68
CA LYS B 16 7.11 -11.81 -7.44
C LYS B 16 5.95 -12.69 -6.98
N VAL B 17 4.97 -12.11 -6.29
CA VAL B 17 3.83 -12.92 -5.83
C VAL B 17 2.77 -13.06 -6.91
N GLU B 18 2.53 -11.97 -7.67
CA GLU B 18 1.62 -12.03 -8.81
C GLU B 18 1.94 -13.22 -9.71
N GLY B 19 3.22 -13.51 -9.94
CA GLY B 19 3.70 -14.61 -10.79
C GLY B 19 3.45 -16.00 -10.21
N CYS B 20 2.84 -16.05 -9.02
CA CYS B 20 2.55 -17.31 -8.35
C CYS B 20 1.07 -17.54 -8.14
N MET B 21 0.21 -16.59 -8.48
CA MET B 21 -1.22 -16.76 -8.22
C MET B 21 -1.89 -17.59 -9.32
N VAL B 22 -2.72 -18.52 -8.88
CA VAL B 22 -3.56 -19.34 -9.75
C VAL B 22 -4.96 -19.40 -9.16
N GLN B 23 -5.89 -20.00 -9.90
CA GLN B 23 -7.20 -20.31 -9.35
C GLN B 23 -7.38 -21.83 -9.24
N VAL B 24 -8.13 -22.21 -8.21
CA VAL B 24 -8.45 -23.60 -7.93
C VAL B 24 -9.95 -23.72 -7.80
N THR B 25 -10.55 -24.66 -8.53
CA THR B 25 -11.98 -24.87 -8.53
C THR B 25 -12.28 -26.33 -8.26
N CYS B 26 -13.32 -26.54 -7.43
CA CYS B 26 -13.96 -27.82 -7.21
C CYS B 26 -15.43 -27.61 -7.44
N GLY B 27 -16.01 -28.32 -8.40
CA GLY B 27 -17.39 -28.06 -8.77
C GLY B 27 -17.59 -26.63 -9.22
N THR B 28 -18.32 -25.84 -8.42
CA THR B 28 -18.54 -24.42 -8.71
C THR B 28 -17.84 -23.51 -7.72
N THR B 29 -17.11 -24.06 -6.75
CA THR B 29 -16.40 -23.28 -5.75
C THR B 29 -15.00 -22.93 -6.28
N THR B 30 -14.72 -21.64 -6.48
CA THR B 30 -13.42 -21.20 -6.97
C THR B 30 -12.78 -20.31 -5.92
N LEU B 31 -11.51 -20.56 -5.64
CA LEU B 31 -10.73 -19.62 -4.85
C LEU B 31 -9.34 -19.55 -5.45
N ASN B 32 -8.46 -18.85 -4.76
CA ASN B 32 -7.12 -18.62 -5.24
C ASN B 32 -6.16 -19.65 -4.65
N GLY B 33 -5.08 -19.92 -5.39
CA GLY B 33 -4.00 -20.73 -4.89
C GLY B 33 -2.65 -20.12 -5.22
N LEU B 34 -1.61 -20.66 -4.59
CA LEU B 34 -0.23 -20.19 -4.66
C LEU B 34 0.62 -21.30 -5.27
N TRP B 35 1.18 -21.03 -6.45
CA TRP B 35 1.90 -22.03 -7.25
C TRP B 35 3.41 -21.79 -7.10
N LEU B 36 4.11 -22.69 -6.41
CA LEU B 36 5.53 -22.58 -6.12
C LEU B 36 6.18 -23.89 -6.50
N ASP B 37 7.16 -23.86 -7.40
CA ASP B 37 7.73 -25.10 -7.93
C ASP B 37 6.57 -25.91 -8.51
N ASP B 38 6.41 -27.20 -8.19
CA ASP B 38 5.33 -28.00 -8.74
C ASP B 38 4.22 -28.31 -7.73
N VAL B 39 3.97 -27.39 -6.79
CA VAL B 39 2.90 -27.52 -5.81
C VAL B 39 2.03 -26.28 -5.81
N VAL B 40 0.73 -26.47 -5.68
CA VAL B 40 -0.21 -25.39 -5.53
C VAL B 40 -0.84 -25.48 -4.14
N TYR B 41 -0.77 -24.39 -3.38
CA TYR B 41 -1.31 -24.33 -2.03
C TYR B 41 -2.60 -23.53 -2.01
N CYS B 42 -3.64 -24.04 -1.33
CA CYS B 42 -4.89 -23.27 -1.26
C CYS B 42 -5.68 -23.69 -0.01
N PRO B 43 -6.69 -22.90 0.35
CA PRO B 43 -7.54 -23.30 1.51
C PRO B 43 -8.30 -24.57 1.21
N ARG B 44 -8.38 -25.43 2.22
CA ARG B 44 -9.00 -26.74 1.98
C ARG B 44 -10.50 -26.64 1.79
N HIS B 45 -11.13 -25.53 2.20
CA HIS B 45 -12.58 -25.46 2.04
C HIS B 45 -13.02 -25.34 0.59
N VAL B 46 -12.10 -25.30 -0.37
CA VAL B 46 -12.49 -25.37 -1.77
C VAL B 46 -13.23 -26.66 -2.08
N ILE B 47 -12.98 -27.73 -1.30
CA ILE B 47 -13.62 -29.02 -1.56
C ILE B 47 -15.03 -29.09 -0.99
N CYS B 48 -15.49 -27.98 -0.45
CA CYS B 48 -16.81 -28.00 0.22
C CYS B 48 -17.90 -27.36 -0.62
N THR B 49 -19.05 -28.02 -0.73
CA THR B 49 -20.24 -27.34 -1.20
C THR B 49 -20.65 -26.29 -0.18
N SER B 50 -21.37 -25.28 -0.64
CA SER B 50 -21.90 -24.28 0.29
C SER B 50 -22.63 -24.92 1.46
N GLU B 51 -23.31 -26.05 1.21
CA GLU B 51 -23.97 -26.74 2.30
C GLU B 51 -23.00 -27.55 3.16
N ASP B 52 -21.91 -28.06 2.58
CA ASP B 52 -20.88 -28.71 3.37
C ASP B 52 -20.24 -27.76 4.36
N MET B 53 -20.08 -26.49 3.95
CA MET B 53 -19.35 -25.51 4.76
C MET B 53 -20.04 -25.28 6.10
N LEU B 54 -21.34 -25.52 6.20
CA LEU B 54 -22.01 -25.34 7.49
C LEU B 54 -21.48 -26.31 8.54
N ASN B 55 -20.94 -27.45 8.11
CA ASN B 55 -20.56 -28.51 9.06
C ASN B 55 -19.70 -29.56 8.38
N PRO B 56 -18.47 -29.23 8.00
CA PRO B 56 -17.69 -30.10 7.12
C PRO B 56 -16.91 -31.17 7.86
N ASN B 57 -16.86 -32.36 7.26
CA ASN B 57 -15.92 -33.40 7.67
C ASN B 57 -14.86 -33.48 6.57
N TYR B 58 -13.74 -32.78 6.79
CA TYR B 58 -12.76 -32.59 5.74
C TYR B 58 -12.09 -33.90 5.33
N GLU B 59 -11.76 -34.75 6.31
CA GLU B 59 -11.15 -36.04 5.98
C GLU B 59 -12.08 -36.85 5.07
N ASP B 60 -13.37 -36.87 5.38
CA ASP B 60 -14.30 -37.67 4.58
C ASP B 60 -14.60 -36.99 3.25
N LEU B 61 -14.62 -35.67 3.20
CA LEU B 61 -14.86 -35.01 1.93
C LEU B 61 -13.69 -35.25 1.00
N LEU B 62 -12.48 -35.36 1.55
CA LEU B 62 -11.29 -35.45 0.72
C LEU B 62 -11.10 -36.85 0.18
N ILE B 63 -11.44 -37.84 1.00
CA ILE B 63 -11.27 -39.23 0.59
C ILE B 63 -12.15 -39.54 -0.59
N ARG B 64 -13.21 -38.76 -0.79
CA ARG B 64 -14.05 -38.93 -1.97
C ARG B 64 -13.53 -38.19 -3.19
N LYS B 65 -12.48 -37.38 -3.06
CA LYS B 65 -11.93 -36.62 -4.17
C LYS B 65 -10.77 -37.38 -4.80
N SER B 66 -10.53 -37.08 -6.09
CA SER B 66 -9.44 -37.60 -6.88
C SER B 66 -8.73 -36.43 -7.54
N ASN B 67 -7.53 -36.70 -8.03
CA ASN B 67 -6.78 -35.64 -8.72
C ASN B 67 -7.64 -35.01 -9.81
N HIS B 68 -8.46 -35.80 -10.49
CA HIS B 68 -9.20 -35.30 -11.64
C HIS B 68 -10.42 -34.47 -11.26
N ASN B 69 -10.68 -34.25 -9.96
CA ASN B 69 -11.76 -33.36 -9.54
C ASN B 69 -11.30 -31.92 -9.32
N PHE B 70 -9.99 -31.65 -9.40
CA PHE B 70 -9.46 -30.32 -9.12
C PHE B 70 -9.09 -29.63 -10.42
N LEU B 71 -9.71 -28.48 -10.66
CA LEU B 71 -9.41 -27.63 -11.81
C LEU B 71 -8.50 -26.50 -11.35
N VAL B 72 -7.23 -26.56 -11.73
CA VAL B 72 -6.25 -25.52 -11.42
C VAL B 72 -5.92 -24.79 -12.70
N GLN B 73 -5.97 -23.47 -12.67
CA GLN B 73 -5.75 -22.71 -13.88
C GLN B 73 -4.85 -21.53 -13.57
N ALA B 74 -3.92 -21.29 -14.47
CA ALA B 74 -3.15 -20.05 -14.50
C ALA B 74 -3.72 -19.24 -15.65
N GLY B 75 -4.48 -18.20 -15.32
CA GLY B 75 -5.34 -17.62 -16.33
C GLY B 75 -6.38 -18.64 -16.76
N ASN B 76 -6.48 -18.85 -18.06
CA ASN B 76 -7.35 -19.88 -18.62
C ASN B 76 -6.59 -21.14 -18.99
N VAL B 77 -5.33 -21.26 -18.57
CA VAL B 77 -4.52 -22.42 -18.92
C VAL B 77 -4.56 -23.42 -17.77
N GLN B 78 -5.09 -24.60 -18.06
CA GLN B 78 -5.22 -25.63 -17.03
C GLN B 78 -3.86 -26.22 -16.69
N LEU B 79 -3.63 -26.42 -15.40
CA LEU B 79 -2.48 -27.10 -14.83
C LEU B 79 -2.92 -28.45 -14.32
N ARG B 80 -2.40 -29.52 -14.89
CA ARG B 80 -2.88 -30.86 -14.52
C ARG B 80 -2.41 -31.23 -13.12
N VAL B 81 -3.32 -31.75 -12.31
CA VAL B 81 -3.02 -32.15 -10.95
C VAL B 81 -2.63 -33.62 -10.93
N ILE B 82 -1.50 -33.94 -10.28
CA ILE B 82 -0.96 -35.29 -10.24
C ILE B 82 -0.86 -35.84 -8.81
N GLY B 83 -1.35 -35.11 -7.83
CA GLY B 83 -1.35 -35.61 -6.46
C GLY B 83 -2.00 -34.57 -5.58
N HIS B 84 -2.48 -35.02 -4.42
CA HIS B 84 -3.13 -34.08 -3.51
C HIS B 84 -2.94 -34.58 -2.09
N SER B 85 -2.86 -33.63 -1.17
CA SER B 85 -2.83 -33.98 0.25
C SER B 85 -3.26 -32.76 1.04
N MET B 86 -3.67 -33.01 2.27
CA MET B 86 -4.19 -31.97 3.15
C MET B 86 -3.21 -31.83 4.29
N GLN B 87 -2.82 -30.58 4.58
CA GLN B 87 -1.93 -30.26 5.69
C GLN B 87 -2.66 -29.21 6.51
N ASN B 88 -3.16 -29.62 7.68
CA ASN B 88 -4.01 -28.74 8.47
C ASN B 88 -5.16 -28.15 7.66
N CYS B 89 -5.27 -26.82 7.58
CA CYS B 89 -6.35 -26.24 6.81
C CYS B 89 -5.95 -25.86 5.38
N VAL B 90 -4.81 -26.32 4.87
CA VAL B 90 -4.46 -26.06 3.47
CA VAL B 90 -4.37 -26.07 3.49
C VAL B 90 -4.39 -27.37 2.70
N LEU B 91 -4.77 -27.26 1.43
CA LEU B 91 -4.65 -28.32 0.46
C LEU B 91 -3.40 -28.07 -0.38
N LYS B 92 -2.65 -29.15 -0.64
CA LYS B 92 -1.45 -29.11 -1.45
C LYS B 92 -1.68 -29.97 -2.68
N LEU B 93 -1.67 -29.35 -3.86
CA LEU B 93 -1.94 -30.05 -5.10
C LEU B 93 -0.63 -30.10 -5.87
N LYS B 94 -0.11 -31.32 -6.06
CA LYS B 94 1.04 -31.51 -6.92
C LYS B 94 0.59 -31.40 -8.37
N VAL B 95 1.33 -30.62 -9.16
CA VAL B 95 0.98 -30.36 -10.54
C VAL B 95 2.15 -30.80 -11.42
N ASP B 96 1.89 -30.91 -12.70
CA ASP B 96 2.90 -31.52 -13.55
C ASP B 96 3.86 -30.53 -14.17
N THR B 97 3.77 -29.25 -13.81
CA THR B 97 4.62 -28.19 -14.33
C THR B 97 5.21 -27.38 -13.17
N ALA B 98 6.51 -27.19 -13.20
CA ALA B 98 7.15 -26.33 -12.21
C ALA B 98 6.95 -24.88 -12.64
N ASN B 99 6.47 -24.04 -11.72
CA ASN B 99 6.23 -22.64 -12.06
C ASN B 99 7.53 -21.92 -12.42
N PRO B 100 7.69 -21.48 -13.66
CA PRO B 100 8.96 -20.84 -14.03
C PRO B 100 9.19 -19.49 -13.36
N LYS B 101 8.14 -18.90 -12.81
CA LYS B 101 8.25 -17.63 -12.10
C LYS B 101 8.44 -17.80 -10.60
N THR B 102 8.71 -19.03 -10.14
CA THR B 102 8.89 -19.25 -8.69
C THR B 102 10.02 -18.37 -8.19
N PRO B 103 9.80 -17.53 -7.17
CA PRO B 103 10.90 -16.76 -6.59
C PRO B 103 11.64 -17.58 -5.54
N LYS B 104 12.78 -17.07 -5.09
CA LYS B 104 13.30 -17.62 -3.83
C LYS B 104 12.24 -17.35 -2.76
N TYR B 105 11.93 -18.35 -1.93
CA TYR B 105 10.86 -18.16 -0.95
C TYR B 105 11.10 -18.98 0.31
N LYS B 106 10.33 -18.62 1.35
CA LYS B 106 10.23 -19.42 2.55
C LYS B 106 8.82 -19.23 3.10
N PHE B 107 8.42 -20.13 3.98
CA PHE B 107 7.15 -20.05 4.70
C PHE B 107 7.49 -19.66 6.14
N VAL B 108 6.90 -18.58 6.64
CA VAL B 108 7.17 -18.15 8.02
C VAL B 108 5.86 -17.93 8.76
N ARG B 109 5.90 -18.08 10.07
CA ARG B 109 4.74 -17.85 10.93
C ARG B 109 5.06 -16.59 11.71
N ILE B 110 4.26 -15.55 11.50
CA ILE B 110 4.58 -14.27 12.11
C ILE B 110 3.94 -14.16 13.49
N GLN B 111 4.39 -13.15 14.24
CA GLN B 111 3.88 -12.80 15.56
C GLN B 111 2.94 -11.60 15.46
N PRO B 112 1.99 -11.46 16.39
CA PRO B 112 1.22 -10.22 16.44
C PRO B 112 2.14 -9.01 16.46
N GLY B 113 1.70 -7.93 15.82
CA GLY B 113 2.49 -6.75 15.65
C GLY B 113 3.25 -6.69 14.35
N GLN B 114 3.59 -7.85 13.78
CA GLN B 114 4.37 -7.84 12.55
C GLN B 114 3.45 -7.44 11.40
N THR B 115 4.03 -6.73 10.45
CA THR B 115 3.27 -6.25 9.30
C THR B 115 3.64 -7.11 8.10
N PHE B 116 2.80 -7.05 7.10
CA PHE B 116 3.04 -7.76 5.84
C PHE B 116 2.16 -7.15 4.78
N SER B 117 2.49 -7.45 3.52
CA SER B 117 1.70 -6.99 2.40
C SER B 117 0.72 -8.08 2.00
N VAL B 118 -0.50 -7.68 1.65
CA VAL B 118 -1.53 -8.58 1.14
C VAL B 118 -1.74 -8.30 -0.34
N LEU B 119 -1.73 -9.35 -1.16
CA LEU B 119 -2.10 -9.20 -2.56
C LEU B 119 -3.50 -9.78 -2.69
N ALA B 120 -4.52 -8.91 -2.68
CA ALA B 120 -5.90 -9.37 -2.77
C ALA B 120 -6.20 -9.85 -4.18
N CYS B 121 -6.71 -11.08 -4.32
CA CYS B 121 -6.92 -11.70 -5.63
C CYS B 121 -8.31 -12.28 -5.73
N TYR B 122 -8.82 -12.34 -6.97
CA TYR B 122 -10.13 -12.92 -7.29
C TYR B 122 -9.97 -13.71 -8.58
N ASN B 123 -10.42 -14.97 -8.57
CA ASN B 123 -10.29 -15.85 -9.73
C ASN B 123 -8.86 -15.94 -10.23
N GLY B 124 -7.91 -15.98 -9.31
CA GLY B 124 -6.52 -16.06 -9.67
C GLY B 124 -5.92 -14.78 -10.22
N SER B 125 -6.68 -13.68 -10.21
N SER B 125 -6.67 -13.67 -10.21
CA SER B 125 -6.22 -12.40 -10.77
CA SER B 125 -6.19 -12.42 -10.78
C SER B 125 -5.99 -11.40 -9.66
C SER B 125 -5.99 -11.39 -9.68
N PRO B 126 -4.79 -10.84 -9.53
CA PRO B 126 -4.56 -9.82 -8.49
C PRO B 126 -5.37 -8.56 -8.76
N SER B 127 -5.98 -8.03 -7.70
CA SER B 127 -6.71 -6.77 -7.77
C SER B 127 -6.03 -5.60 -7.07
N GLY B 128 -5.32 -5.83 -5.96
CA GLY B 128 -4.77 -4.72 -5.20
C GLY B 128 -3.80 -5.23 -4.17
N VAL B 129 -2.95 -4.33 -3.69
CA VAL B 129 -1.94 -4.68 -2.70
C VAL B 129 -1.96 -3.63 -1.59
N TYR B 130 -1.81 -4.08 -0.34
CA TYR B 130 -1.84 -3.13 0.78
C TYR B 130 -1.17 -3.76 1.99
N GLN B 131 -0.78 -2.92 2.93
CA GLN B 131 -0.07 -3.37 4.11
C GLN B 131 -1.05 -3.65 5.25
N CYS B 132 -0.80 -4.75 6.00
CA CYS B 132 -1.62 -5.19 7.14
C CYS B 132 -0.71 -5.43 8.34
N ALA B 133 -1.27 -5.28 9.53
CA ALA B 133 -0.59 -5.72 10.72
C ALA B 133 -1.36 -6.88 11.33
N MET B 134 -0.67 -7.88 11.83
CA MET B 134 -1.34 -8.91 12.60
C MET B 134 -1.69 -8.34 13.97
N ARG B 135 -2.99 -8.33 14.33
CA ARG B 135 -3.41 -7.78 15.61
C ARG B 135 -3.08 -8.76 16.74
N PRO B 136 -3.04 -8.27 18.00
CA PRO B 136 -2.81 -9.20 19.10
C PRO B 136 -3.91 -10.22 19.29
N ASN B 137 -5.10 -9.96 18.77
CA ASN B 137 -6.16 -10.95 18.80
C ASN B 137 -6.16 -11.83 17.55
N PHE B 138 -5.11 -11.75 16.72
CA PHE B 138 -4.86 -12.66 15.60
C PHE B 138 -5.89 -12.49 14.49
N THR B 139 -6.37 -11.28 14.32
CA THR B 139 -7.09 -10.86 13.14
C THR B 139 -6.25 -9.83 12.42
N ILE B 140 -6.61 -9.59 11.15
CA ILE B 140 -6.05 -8.48 10.42
C ILE B 140 -7.20 -7.61 9.96
N LYS B 141 -6.92 -6.31 9.85
CA LYS B 141 -7.87 -5.34 9.31
C LYS B 141 -7.59 -5.22 7.82
N GLY B 142 -8.13 -6.18 7.07
CA GLY B 142 -7.93 -6.25 5.64
C GLY B 142 -9.11 -5.70 4.89
N SER B 143 -9.08 -5.96 3.58
CA SER B 143 -10.16 -5.55 2.67
C SER B 143 -10.34 -6.72 1.71
N PHE B 144 -11.39 -7.51 1.94
CA PHE B 144 -11.58 -8.78 1.24
C PHE B 144 -13.06 -8.97 0.91
N LEU B 145 -13.34 -9.46 -0.28
CA LEU B 145 -14.70 -9.71 -0.74
C LEU B 145 -14.87 -11.21 -0.98
N ASN B 146 -16.10 -11.62 -1.30
CA ASN B 146 -16.30 -13.00 -1.74
C ASN B 146 -15.29 -13.35 -2.84
N GLY B 147 -14.72 -14.54 -2.74
CA GLY B 147 -13.78 -15.03 -3.72
C GLY B 147 -12.34 -14.71 -3.42
N SER B 148 -12.05 -14.03 -2.30
CA SER B 148 -10.69 -13.64 -1.99
C SER B 148 -9.90 -14.71 -1.28
N CYS B 149 -10.54 -15.77 -0.77
CA CYS B 149 -9.80 -16.77 -0.03
C CYS B 149 -8.67 -17.33 -0.87
N GLY B 150 -7.55 -17.63 -0.20
CA GLY B 150 -6.35 -18.05 -0.87
C GLY B 150 -5.43 -16.90 -1.24
N SER B 151 -5.90 -15.67 -1.18
CA SER B 151 -4.97 -14.54 -1.26
C SER B 151 -3.93 -14.67 -0.14
N VAL B 152 -2.69 -14.22 -0.40
CA VAL B 152 -1.61 -14.43 0.56
C VAL B 152 -1.03 -13.10 1.03
N GLY B 153 -0.39 -13.18 2.21
CA GLY B 153 0.39 -12.08 2.78
C GLY B 153 1.85 -12.47 2.84
N PHE B 154 2.73 -11.46 2.70
CA PHE B 154 4.14 -11.74 2.51
C PHE B 154 4.99 -10.53 2.87
N ASN B 155 6.27 -10.81 3.13
CA ASN B 155 7.34 -9.85 3.21
C ASN B 155 8.42 -10.24 2.20
N ILE B 156 9.20 -9.27 1.76
CA ILE B 156 10.31 -9.54 0.84
C ILE B 156 11.57 -9.03 1.50
N ASP B 157 12.54 -9.94 1.68
CA ASP B 157 13.85 -9.62 2.26
C ASP B 157 14.91 -9.96 1.22
N TYR B 158 15.60 -8.95 0.71
CA TYR B 158 16.62 -9.14 -0.32
C TYR B 158 15.92 -9.86 -1.48
N ASP B 159 16.31 -11.07 -1.85
CA ASP B 159 15.74 -11.69 -3.04
C ASP B 159 14.51 -12.54 -2.72
N CYS B 160 14.15 -12.65 -1.44
CA CYS B 160 13.43 -13.81 -0.94
C CYS B 160 12.06 -13.41 -0.40
N VAL B 161 11.03 -14.08 -0.90
CA VAL B 161 9.66 -13.85 -0.47
C VAL B 161 9.35 -14.77 0.70
N SER B 162 9.00 -14.18 1.86
CA SER B 162 8.56 -14.93 3.02
C SER B 162 7.04 -14.86 3.07
N PHE B 163 6.37 -15.96 2.75
CA PHE B 163 4.93 -16.01 2.82
C PHE B 163 4.51 -16.29 4.26
N CYS B 164 3.57 -15.49 4.76
CA CYS B 164 3.15 -15.64 6.15
C CYS B 164 1.66 -15.77 6.39
N TYR B 165 0.81 -15.56 5.39
CA TYR B 165 -0.63 -15.50 5.60
C TYR B 165 -1.32 -16.02 4.36
N MET B 166 -2.36 -16.83 4.57
CA MET B 166 -3.29 -17.22 3.51
C MET B 166 -4.71 -16.95 4.02
N HIS B 167 -5.54 -16.30 3.20
CA HIS B 167 -6.80 -15.78 3.70
C HIS B 167 -7.91 -16.83 3.68
N HIS B 168 -8.70 -16.87 4.78
CA HIS B 168 -9.83 -17.79 4.89
C HIS B 168 -11.19 -17.19 5.31
N MET B 169 -11.26 -16.07 6.04
CA MET B 169 -12.54 -15.75 6.69
C MET B 169 -12.68 -14.27 7.06
N GLU B 170 -13.95 -13.82 7.09
CA GLU B 170 -14.35 -12.48 7.54
C GLU B 170 -15.30 -12.60 8.73
N LEU B 171 -14.93 -11.95 9.82
CA LEU B 171 -15.68 -12.02 11.07
C LEU B 171 -16.74 -10.93 11.14
N PRO B 172 -17.69 -11.05 12.06
CA PRO B 172 -18.79 -10.08 12.12
C PRO B 172 -18.33 -8.64 12.28
N THR B 173 -17.24 -8.38 12.98
CA THR B 173 -16.75 -7.01 13.13
C THR B 173 -16.03 -6.50 11.90
N GLY B 174 -15.97 -7.29 10.83
CA GLY B 174 -15.38 -6.85 9.59
C GLY B 174 -13.89 -7.05 9.50
N VAL B 175 -13.28 -7.72 10.47
CA VAL B 175 -11.87 -8.07 10.42
C VAL B 175 -11.72 -9.49 9.87
N HIS B 176 -10.47 -9.90 9.62
CA HIS B 176 -10.19 -11.08 8.81
C HIS B 176 -9.26 -12.02 9.54
N ALA B 177 -9.39 -13.31 9.19
CA ALA B 177 -8.62 -14.38 9.80
C ALA B 177 -8.17 -15.37 8.73
N GLY B 178 -7.07 -16.06 9.03
CA GLY B 178 -6.47 -16.97 8.10
C GLY B 178 -5.35 -17.74 8.73
N THR B 179 -4.57 -18.41 7.88
CA THR B 179 -3.58 -19.39 8.30
C THR B 179 -2.21 -18.97 7.83
N ASP B 180 -1.18 -19.63 8.37
CA ASP B 180 0.12 -19.60 7.72
C ASP B 180 0.09 -20.57 6.54
N LEU B 181 1.20 -20.70 5.84
CA LEU B 181 1.21 -21.54 4.64
C LEU B 181 1.36 -23.02 4.97
N GLU B 182 1.54 -23.38 6.24
CA GLU B 182 1.37 -24.76 6.68
C GLU B 182 -0.07 -25.05 7.12
N GLY B 183 -1.00 -24.13 6.93
CA GLY B 183 -2.39 -24.38 7.19
C GLY B 183 -2.83 -24.22 8.63
N ASN B 184 -1.98 -23.66 9.49
CA ASN B 184 -2.32 -23.45 10.90
C ASN B 184 -2.90 -22.06 11.10
N PHE B 185 -4.13 -21.99 11.58
CA PHE B 185 -4.75 -20.68 11.76
C PHE B 185 -3.92 -19.84 12.72
N TYR B 186 -3.90 -18.54 12.46
CA TYR B 186 -3.60 -17.58 13.52
C TYR B 186 -4.87 -17.42 14.35
N GLY B 187 -4.74 -17.56 15.67
CA GLY B 187 -5.90 -17.37 16.53
C GLY B 187 -6.78 -18.60 16.65
N PRO B 188 -7.90 -18.47 17.35
CA PRO B 188 -8.70 -19.67 17.71
C PRO B 188 -9.67 -20.14 16.64
N PHE B 189 -9.60 -19.61 15.44
CA PHE B 189 -10.64 -19.77 14.44
C PHE B 189 -10.54 -21.14 13.77
N VAL B 190 -11.67 -21.57 13.22
CA VAL B 190 -11.79 -22.82 12.48
C VAL B 190 -12.49 -22.56 11.16
N ASP B 191 -12.13 -23.35 10.12
CA ASP B 191 -12.70 -23.12 8.80
C ASP B 191 -14.04 -23.86 8.66
N ARG B 192 -15.05 -23.35 9.39
CA ARG B 192 -16.43 -23.81 9.35
C ARG B 192 -17.37 -22.61 9.34
N GLN B 193 -18.45 -22.69 8.57
CA GLN B 193 -19.40 -21.59 8.42
C GLN B 193 -20.36 -21.62 9.61
N THR B 194 -19.79 -21.32 10.77
CA THR B 194 -20.51 -21.21 12.03
C THR B 194 -20.06 -19.94 12.75
N ALA B 195 -21.02 -19.32 13.44
CA ALA B 195 -20.76 -18.03 14.09
C ALA B 195 -19.45 -18.06 14.86
N GLN B 196 -18.59 -17.07 14.58
CA GLN B 196 -17.32 -16.87 15.27
C GLN B 196 -17.13 -15.38 15.48
N ALA B 197 -16.29 -15.04 16.45
CA ALA B 197 -16.06 -13.62 16.75
C ALA B 197 -14.61 -13.35 17.16
N ALA B 198 -14.14 -12.17 16.78
CA ALA B 198 -12.85 -11.68 17.24
C ALA B 198 -12.89 -11.32 18.72
N GLY B 199 -11.85 -11.69 19.44
CA GLY B 199 -11.69 -11.33 20.82
C GLY B 199 -11.36 -9.86 20.98
N THR B 200 -11.27 -9.44 22.24
CA THR B 200 -10.96 -8.06 22.52
C THR B 200 -9.52 -7.78 22.10
N ASP B 201 -9.34 -6.70 21.38
CA ASP B 201 -8.00 -6.36 20.88
C ASP B 201 -7.30 -5.41 21.83
N THR B 202 -5.99 -5.28 21.61
CA THR B 202 -5.12 -4.43 22.42
C THR B 202 -4.21 -3.69 21.48
N THR B 203 -3.53 -2.69 22.04
CA THR B 203 -2.64 -1.85 21.26
C THR B 203 -1.25 -2.46 21.23
N ILE B 204 -0.62 -2.40 20.06
CA ILE B 204 0.68 -3.04 19.83
C ILE B 204 1.77 -2.10 20.33
N THR B 205 2.21 -2.33 21.58
CA THR B 205 3.15 -1.45 22.26
C THR B 205 4.46 -1.30 21.49
N VAL B 206 5.05 -2.41 21.03
CA VAL B 206 6.36 -2.32 20.37
C VAL B 206 6.29 -1.41 19.16
N ASN B 207 5.14 -1.42 18.45
CA ASN B 207 4.99 -0.54 17.29
C ASN B 207 4.76 0.91 17.70
N VAL B 208 4.04 1.14 18.81
CA VAL B 208 3.92 2.52 19.27
C VAL B 208 5.30 3.09 19.61
N LEU B 209 6.11 2.30 20.30
CA LEU B 209 7.47 2.73 20.59
C LEU B 209 8.24 3.02 19.32
N ALA B 210 8.12 2.15 18.31
CA ALA B 210 8.78 2.42 17.03
C ALA B 210 8.36 3.77 16.49
N TRP B 211 7.06 4.08 16.60
CA TRP B 211 6.51 5.36 16.16
C TRP B 211 7.09 6.51 16.95
N LEU B 212 7.26 6.35 18.25
CA LEU B 212 7.89 7.43 19.04
C LEU B 212 9.33 7.63 18.60
N TYR B 213 10.05 6.55 18.31
CA TYR B 213 11.41 6.68 17.78
C TYR B 213 11.43 7.43 16.45
N ALA B 214 10.48 7.08 15.57
CA ALA B 214 10.37 7.80 14.30
C ALA B 214 10.15 9.29 14.54
N ALA B 215 9.28 9.65 15.47
CA ALA B 215 9.09 11.07 15.79
C ALA B 215 10.40 11.72 16.21
N VAL B 216 11.16 11.07 17.07
CA VAL B 216 12.46 11.62 17.50
C VAL B 216 13.38 11.80 16.31
N ILE B 217 13.46 10.78 15.44
CA ILE B 217 14.35 10.87 14.27
C ILE B 217 14.03 12.12 13.45
N ASN B 218 12.75 12.52 13.42
CA ASN B 218 12.29 13.67 12.66
C ASN B 218 12.24 14.94 13.49
N GLY B 219 12.80 14.94 14.69
CA GLY B 219 12.95 16.15 15.47
C GLY B 219 11.78 16.50 16.36
N ASP B 220 10.83 15.60 16.52
CA ASP B 220 9.62 15.83 17.31
C ASP B 220 9.81 15.06 18.61
N ARG B 221 10.27 15.74 19.66
CA ARG B 221 10.72 14.98 20.84
C ARG B 221 10.31 15.64 22.16
N TRP B 222 9.21 16.38 22.18
CA TRP B 222 8.76 17.01 23.42
C TRP B 222 8.45 16.02 24.52
N PHE B 223 8.11 14.77 24.18
CA PHE B 223 7.60 13.77 25.11
C PHE B 223 8.71 13.00 25.79
N LEU B 224 9.95 13.18 25.38
CA LEU B 224 11.07 12.56 26.08
C LEU B 224 11.17 13.17 27.47
N ASN B 225 11.23 12.31 28.50
CA ASN B 225 11.36 12.75 29.89
C ASN B 225 12.71 12.31 30.45
N ARG B 226 12.95 12.67 31.72
CA ARG B 226 14.23 12.44 32.38
C ARG B 226 14.30 11.10 33.10
N PHE B 227 13.31 10.24 32.92
CA PHE B 227 13.18 9.06 33.77
C PHE B 227 13.31 7.77 32.97
N THR B 228 13.32 6.67 33.71
CA THR B 228 13.34 5.35 33.11
C THR B 228 12.40 4.48 33.91
N THR B 229 12.34 3.21 33.52
CA THR B 229 11.46 2.25 34.17
C THR B 229 12.07 0.88 33.98
N THR B 230 11.58 -0.08 34.76
CA THR B 230 11.92 -1.44 34.50
C THR B 230 10.92 -1.99 33.50
N LEU B 231 11.32 -3.07 32.83
CA LEU B 231 10.44 -3.70 31.87
C LEU B 231 9.21 -4.27 32.56
N ASN B 232 9.40 -4.88 33.72
CA ASN B 232 8.27 -5.46 34.43
C ASN B 232 7.30 -4.37 34.90
N ASP B 233 7.82 -3.30 35.50
CA ASP B 233 6.92 -2.23 35.93
C ASP B 233 6.18 -1.66 34.73
N PHE B 234 6.86 -1.50 33.59
CA PHE B 234 6.17 -0.95 32.43
C PHE B 234 5.06 -1.89 31.94
N ASN B 235 5.35 -3.18 31.89
CA ASN B 235 4.38 -4.13 31.36
C ASN B 235 3.13 -4.13 32.23
N LEU B 236 3.32 -4.07 33.53
CA LEU B 236 2.16 -4.10 34.43
C LEU B 236 1.29 -2.86 34.25
N VAL B 237 1.91 -1.70 34.03
CA VAL B 237 1.14 -0.49 33.80
C VAL B 237 0.47 -0.54 32.43
N ALA B 238 1.22 -0.96 31.41
CA ALA B 238 0.70 -0.93 30.05
C ALA B 238 -0.59 -1.73 29.95
N MET B 239 -0.65 -2.87 30.62
CA MET B 239 -1.83 -3.70 30.52
C MET B 239 -3.06 -2.99 31.08
N LYS B 240 -2.88 -2.07 32.03
CA LYS B 240 -4.03 -1.33 32.57
C LYS B 240 -4.59 -0.35 31.55
N TYR B 241 -3.85 -0.05 30.48
CA TYR B 241 -4.33 0.80 29.39
C TYR B 241 -4.65 0.02 28.13
N ASN B 242 -4.76 -1.31 28.23
CA ASN B 242 -5.09 -2.19 27.10
C ASN B 242 -4.01 -2.13 26.04
N TYR B 243 -2.78 -1.93 26.51
CA TYR B 243 -1.57 -2.10 25.72
C TYR B 243 -0.95 -3.48 25.96
N GLU B 244 -0.35 -4.03 24.93
CA GLU B 244 0.33 -5.30 25.04
C GLU B 244 1.59 -5.20 25.92
N PRO B 245 1.94 -6.26 26.62
CA PRO B 245 3.24 -6.28 27.29
C PRO B 245 4.35 -6.51 26.28
N LEU B 246 5.53 -5.99 26.61
CA LEU B 246 6.70 -6.21 25.78
C LEU B 246 7.35 -7.55 26.10
N THR B 247 7.84 -8.20 25.06
CA THR B 247 8.71 -9.35 25.17
C THR B 247 10.17 -8.93 25.02
N GLN B 248 11.06 -9.87 25.35
CA GLN B 248 12.48 -9.69 25.08
C GLN B 248 12.76 -9.47 23.59
N ASP B 249 12.03 -10.18 22.72
CA ASP B 249 12.20 -10.01 21.28
C ASP B 249 11.82 -8.59 20.85
N HIS B 250 10.77 -8.04 21.47
CA HIS B 250 10.39 -6.64 21.20
C HIS B 250 11.52 -5.68 21.56
N VAL B 251 12.12 -5.85 22.74
CA VAL B 251 13.20 -4.97 23.15
C VAL B 251 14.33 -5.07 22.13
N ASP B 252 14.60 -6.29 21.67
CA ASP B 252 15.70 -6.47 20.72
C ASP B 252 15.40 -5.87 19.35
N ILE B 253 14.15 -5.95 18.87
CA ILE B 253 13.90 -5.39 17.54
C ILE B 253 13.83 -3.88 17.56
N LEU B 254 13.74 -3.27 18.75
CA LEU B 254 13.89 -1.82 18.92
C LEU B 254 15.33 -1.39 19.01
N GLY B 255 16.26 -2.35 19.06
CA GLY B 255 17.68 -2.04 19.20
C GLY B 255 18.21 -1.05 18.18
N PRO B 256 17.96 -1.31 16.89
CA PRO B 256 18.49 -0.38 15.86
C PRO B 256 17.99 1.06 16.04
N LEU B 257 16.72 1.25 16.36
CA LEU B 257 16.20 2.62 16.53
C LEU B 257 16.75 3.25 17.80
N SER B 258 16.93 2.43 18.84
CA SER B 258 17.53 2.92 20.08
C SER B 258 18.96 3.36 19.83
N ALA B 259 19.69 2.61 19.00
CA ALA B 259 21.07 3.00 18.68
C ALA B 259 21.11 4.24 17.81
N GLN B 260 20.15 4.36 16.91
CA GLN B 260 20.15 5.49 15.97
C GLN B 260 19.87 6.81 16.69
N THR B 261 19.01 6.77 17.71
CA THR B 261 18.60 7.95 18.46
C THR B 261 19.38 8.16 19.76
N GLY B 262 20.05 7.12 20.27
CA GLY B 262 20.67 7.23 21.57
C GLY B 262 19.73 7.15 22.74
N ILE B 263 18.46 6.84 22.51
CA ILE B 263 17.45 6.75 23.56
C ILE B 263 17.24 5.28 23.93
N ALA B 264 17.59 4.93 25.17
CA ALA B 264 17.44 3.55 25.61
C ALA B 264 15.99 3.12 25.51
N VAL B 265 15.79 1.82 25.24
CA VAL B 265 14.44 1.33 25.08
C VAL B 265 13.61 1.63 26.33
N LEU B 266 14.18 1.41 27.51
CA LEU B 266 13.41 1.60 28.75
C LEU B 266 13.15 3.06 29.07
N ASP B 267 14.03 3.97 28.63
CA ASP B 267 13.67 5.37 28.75
C ASP B 267 12.49 5.72 27.86
N MET B 268 12.46 5.20 26.63
CA MET B 268 11.29 5.45 25.79
C MET B 268 10.03 4.85 26.42
N CYS B 269 10.15 3.67 27.04
CA CYS B 269 9.01 3.09 27.75
C CYS B 269 8.51 4.06 28.82
N ALA B 270 9.45 4.71 29.50
CA ALA B 270 9.05 5.62 30.58
C ALA B 270 8.34 6.84 30.00
N SER B 271 8.78 7.31 28.82
CA SER B 271 8.06 8.37 28.12
C SER B 271 6.66 7.96 27.72
N LEU B 272 6.52 6.75 27.18
CA LEU B 272 5.19 6.29 26.80
C LEU B 272 4.30 6.18 28.02
N LYS B 273 4.83 5.63 29.12
CA LYS B 273 4.04 5.52 30.34
C LYS B 273 3.48 6.87 30.77
N GLU B 274 4.30 7.93 30.69
CA GLU B 274 3.79 9.24 31.04
C GLU B 274 2.70 9.67 30.07
N LEU B 275 2.84 9.36 28.77
CA LEU B 275 1.77 9.69 27.85
C LEU B 275 0.48 8.94 28.22
N LEU B 276 0.59 7.65 28.54
CA LEU B 276 -0.61 6.91 28.92
C LEU B 276 -1.23 7.50 30.18
N GLN B 277 -0.40 7.82 31.16
CA GLN B 277 -0.91 8.23 32.47
C GLN B 277 -1.42 9.65 32.48
N ASN B 278 -0.88 10.52 31.61
CA ASN B 278 -1.19 11.93 31.62
C ASN B 278 -1.95 12.41 30.39
N GLY B 279 -1.97 11.66 29.30
CA GLY B 279 -2.58 12.13 28.08
C GLY B 279 -1.65 13.04 27.30
N MET B 280 -2.11 13.42 26.10
CA MET B 280 -1.35 14.29 25.22
C MET B 280 -1.45 15.76 25.63
N ASN B 281 -2.47 16.14 26.40
CA ASN B 281 -2.66 17.53 26.80
C ASN B 281 -2.75 18.43 25.57
N GLY B 282 -3.43 17.93 24.53
CA GLY B 282 -3.68 18.69 23.32
C GLY B 282 -2.53 18.79 22.35
N ARG B 283 -1.38 18.22 22.66
CA ARG B 283 -0.25 18.24 21.74
C ARG B 283 -0.33 17.05 20.78
N THR B 284 0.45 17.13 19.72
CA THR B 284 0.51 16.10 18.70
C THR B 284 1.92 15.52 18.61
N ILE B 285 2.00 14.35 17.99
CA ILE B 285 3.26 13.68 17.69
C ILE B 285 3.22 13.28 16.23
N LEU B 286 4.23 13.70 15.47
CA LEU B 286 4.23 13.49 14.03
C LEU B 286 2.93 13.98 13.40
N GLY B 287 2.38 15.07 13.95
CA GLY B 287 1.22 15.72 13.36
C GLY B 287 -0.10 15.14 13.78
N SER B 288 -0.11 14.14 14.66
CA SER B 288 -1.33 13.42 14.99
C SER B 288 -1.52 13.38 16.49
N ALA B 289 -2.78 13.44 16.93
CA ALA B 289 -3.09 13.28 18.33
C ALA B 289 -3.24 11.82 18.70
N LEU B 290 -3.22 10.91 17.72
CA LEU B 290 -3.34 9.49 17.96
C LEU B 290 -1.98 8.82 17.85
N LEU B 291 -1.74 7.83 18.70
CA LEU B 291 -0.53 7.03 18.62
C LEU B 291 -0.74 5.88 17.63
N GLU B 292 0.14 5.78 16.64
CA GLU B 292 0.03 4.75 15.61
C GLU B 292 0.66 3.45 16.08
N ASP B 293 -0.03 2.31 15.83
CA ASP B 293 0.54 1.02 16.26
C ASP B 293 0.68 -0.01 15.14
N GLU B 294 0.68 0.41 13.86
CA GLU B 294 0.85 -0.55 12.77
C GLU B 294 2.08 -0.26 11.91
N PHE B 295 3.05 0.45 12.45
CA PHE B 295 4.39 0.58 11.86
C PHE B 295 5.38 -0.12 12.76
N THR B 296 6.02 -1.17 12.25
CA THR B 296 7.02 -1.89 13.00
C THR B 296 8.34 -1.15 12.99
N PRO B 297 9.28 -1.56 13.84
CA PRO B 297 10.61 -0.93 13.77
C PRO B 297 11.21 -1.08 12.38
N PHE B 298 10.97 -2.20 11.70
CA PHE B 298 11.54 -2.37 10.35
C PHE B 298 10.90 -1.40 9.37
N ASP B 299 9.59 -1.22 9.47
CA ASP B 299 8.88 -0.24 8.65
C ASP B 299 9.43 1.17 8.85
N VAL B 300 9.77 1.54 10.09
CA VAL B 300 10.25 2.89 10.35
C VAL B 300 11.60 3.09 9.69
N VAL B 301 12.49 2.12 9.85
CA VAL B 301 13.80 2.15 9.19
C VAL B 301 13.63 2.18 7.68
N ARG B 302 12.71 1.38 7.15
CA ARG B 302 12.47 1.29 5.71
C ARG B 302 11.99 2.61 5.09
N GLN B 303 11.40 3.52 5.89
CA GLN B 303 10.91 4.80 5.39
C GLN B 303 11.72 6.01 5.84
N CYS B 304 12.47 5.92 6.95
CA CYS B 304 13.26 7.06 7.40
C CYS B 304 14.61 7.08 6.71
N SER B 305 15.22 5.91 6.55
CA SER B 305 16.58 5.79 6.07
C SER B 305 16.71 5.06 4.74
N GLY B 306 15.66 4.39 4.27
CA GLY B 306 15.64 3.83 2.92
C GLY B 306 16.48 2.58 2.74
#